data_4FZD
#
_entry.id   4FZD
#
_cell.length_a   239.259
_cell.length_b   239.259
_cell.length_c   239.259
_cell.angle_alpha   90.00
_cell.angle_beta   90.00
_cell.angle_gamma   90.00
#
_symmetry.space_group_name_H-M   'I 4 3 2'
#
loop_
_entity.id
_entity.type
_entity.pdbx_description
1 polymer 'Calcium-binding protein 39'
2 polymer 'Serine/threonine-protein kinase MST4'
3 polymer 'C-terminal peptide from Serine/threonine-protein kinase MST4'
4 non-polymer GLYCEROL
5 water water
#
loop_
_entity_poly.entity_id
_entity_poly.type
_entity_poly.pdbx_seq_one_letter_code
_entity_poly.pdbx_strand_id
1 'polypeptide(L)'
;GAMASPADIVKNLKESMAVLEKQDISDKKAEKATEEVSKNLVAMKEILYGTNEKEPQTEAVAQLAQELYNSGLLSTLVAD
LQLIDFEGKKDVAQIFNNILRRQIGTRTPTVEYICTQQNILFMLLKGYESPEIALNCGIMLRECIRHEPLAKIILWSEQF
YDFFRYVEMSTFDIASDAFATFKDLLTRHKLLSAEFLEQHYDRFFSEYEKLLHSENYVTKRQSLKLLGELLLDRHNFTIM
TKYISKPENLKLMMNLLRDKSRNIQFEAFHVFKVFVANPNKTQPILDILLKNQAKLIEFLSKFQNDRTEDEQFNDEKTYL
VKQIRDLK
;
A
2 'polypeptide(L)'
;GAMADPEELFTKLERIGKGSFGEVFKGIDNRTQQVVAIKIIDLEEAEDEIEDIQQEITVLSQCDSSYVTKYYGSYLKGSK
LWIIMEYLGGGSALDLLRAGPFDEFQIATMLKEILKGLDYLHSEKKIHRDIKAANVLLSEQGDVKLAAFGVAGQLTDTQI
KRNTFVGTPFWMAPEVIQQSAYDSKADIWSLGITAIELAKGEPPNSDMHPMRVLFLIPKNNPPTLVGDFTKSFKEFIDAC
LNKDPSFRPTAKELLKHKFIVKNSKKTSYLTELIDRFKRWKAE
;
B
3 'polypeptide(L)' EWSFT C
#
# COMPACT_ATOMS: atom_id res chain seq x y z
N SER A 5 6.41 7.81 34.25
CA SER A 5 5.96 9.23 34.13
C SER A 5 6.11 9.74 32.69
N PRO A 6 5.26 10.71 32.28
CA PRO A 6 5.42 11.36 30.97
C PRO A 6 6.56 12.38 30.95
N ALA A 7 6.91 12.91 32.12
CA ALA A 7 7.99 13.89 32.26
C ALA A 7 9.37 13.26 32.02
N ASP A 8 9.69 12.22 32.79
CA ASP A 8 10.98 11.55 32.70
C ASP A 8 11.17 10.76 31.40
N ILE A 9 10.09 10.19 30.88
CA ILE A 9 10.16 9.32 29.68
C ILE A 9 10.76 10.01 28.47
N VAL A 10 10.50 11.31 28.32
CA VAL A 10 11.09 12.12 27.25
C VAL A 10 12.56 12.43 27.55
N LYS A 11 12.87 12.60 28.82
CA LYS A 11 14.24 12.85 29.27
C LYS A 11 15.09 11.58 29.16
N ASN A 12 14.48 10.43 29.44
CA ASN A 12 15.14 9.14 29.30
C ASN A 12 15.35 8.77 27.85
N LEU A 13 14.48 9.26 26.97
CA LEU A 13 14.56 9.00 25.54
C LEU A 13 15.48 9.98 24.79
N LYS A 14 15.59 11.20 25.31
CA LYS A 14 16.41 12.24 24.67
C LYS A 14 17.89 11.92 24.80
N GLU A 15 18.27 11.32 25.93
CA GLU A 15 19.66 10.93 26.20
C GLU A 15 20.11 9.83 25.23
N SER A 16 19.34 8.75 25.16
CA SER A 16 19.62 7.64 24.24
C SER A 16 19.59 8.12 22.79
N MET A 17 18.77 9.15 22.54
CA MET A 17 18.71 9.79 21.23
C MET A 17 20.03 10.48 20.90
N ALA A 18 20.44 11.41 21.77
CA ALA A 18 21.68 12.15 21.58
C ALA A 18 22.87 11.21 21.46
N VAL A 19 22.89 10.19 22.32
CA VAL A 19 23.96 9.17 22.34
C VAL A 19 24.20 8.54 20.97
N LEU A 20 23.13 8.11 20.30
CA LEU A 20 23.23 7.48 18.99
C LEU A 20 23.78 8.44 17.94
N GLU A 21 23.36 9.71 18.03
CA GLU A 21 23.81 10.75 17.10
C GLU A 21 25.32 10.90 17.14
N LYS A 22 25.92 10.92 15.94
CA LYS A 22 27.36 11.19 15.75
C LYS A 22 28.25 10.34 16.66
N GLN A 23 28.15 9.02 16.51
CA GLN A 23 28.97 8.08 17.27
C GLN A 23 30.45 8.12 16.85
N SER A 26 32.29 2.55 19.11
CA SER A 26 30.90 2.20 18.85
C SER A 26 30.68 0.68 18.78
N ASP A 27 29.70 0.26 17.98
CA ASP A 27 29.33 -1.16 17.77
C ASP A 27 28.73 -1.86 18.99
N LYS A 28 29.55 -2.11 20.03
CA LYS A 28 29.09 -2.74 21.27
C LYS A 28 28.19 -1.77 22.04
N LYS A 29 28.61 -0.52 22.09
CA LYS A 29 27.82 0.56 22.69
C LYS A 29 26.83 1.19 21.69
N ALA A 30 26.85 0.69 20.46
CA ALA A 30 25.86 1.09 19.45
C ALA A 30 24.70 0.10 19.42
N GLU A 31 25.00 -1.19 19.55
CA GLU A 31 23.97 -2.23 19.62
C GLU A 31 23.18 -2.12 20.93
N LYS A 32 23.86 -1.75 22.01
CA LYS A 32 23.21 -1.51 23.30
C LYS A 32 22.40 -0.21 23.30
N ALA A 33 22.97 0.84 22.71
CA ALA A 33 22.37 2.17 22.71
C ALA A 33 21.15 2.27 21.80
N THR A 34 21.29 1.81 20.56
CA THR A 34 20.20 1.89 19.58
C THR A 34 19.03 0.99 19.96
N GLU A 35 19.28 0.02 20.84
CA GLU A 35 18.25 -0.85 21.38
C GLU A 35 17.44 -0.11 22.44
N GLU A 36 18.12 0.80 23.16
CA GLU A 36 17.51 1.61 24.20
C GLU A 36 16.48 2.59 23.65
N VAL A 37 16.82 3.24 22.53
CA VAL A 37 15.91 4.18 21.86
C VAL A 37 14.61 3.48 21.45
N SER A 38 14.72 2.20 21.12
CA SER A 38 13.58 1.38 20.72
C SER A 38 12.60 1.20 21.87
N LYS A 39 13.08 0.63 22.97
CA LYS A 39 12.26 0.46 24.19
C LYS A 39 11.63 1.79 24.64
N ASN A 40 12.34 2.88 24.42
CA ASN A 40 11.84 4.23 24.70
C ASN A 40 10.68 4.63 23.80
N LEU A 41 10.86 4.41 22.50
CA LEU A 41 9.86 4.79 21.51
C LEU A 41 8.57 3.97 21.59
N VAL A 42 8.64 2.78 22.20
CA VAL A 42 7.48 1.90 22.35
C VAL A 42 6.62 2.34 23.55
N ALA A 43 7.27 2.61 24.69
CA ALA A 43 6.58 3.15 25.86
C ALA A 43 6.06 4.56 25.59
N MET A 44 6.79 5.28 24.73
CA MET A 44 6.33 6.55 24.15
C MET A 44 4.99 6.36 23.44
N LYS A 45 4.98 5.48 22.44
CA LYS A 45 3.78 5.13 21.67
C LYS A 45 2.71 4.48 22.56
N GLU A 46 3.13 3.81 23.62
CA GLU A 46 2.20 3.19 24.57
C GLU A 46 1.36 4.22 25.31
N ILE A 47 2.01 5.30 25.75
CA ILE A 47 1.34 6.41 26.44
C ILE A 47 0.32 7.11 25.54
N LEU A 48 0.65 7.22 24.26
CA LEU A 48 -0.22 7.91 23.30
C LEU A 48 -1.34 7.03 22.72
N TYR A 49 -1.35 5.75 23.07
CA TYR A 49 -2.36 4.81 22.56
C TYR A 49 -2.98 3.89 23.63
N GLY A 50 -2.92 4.33 24.89
CA GLY A 50 -3.73 3.78 25.99
C GLY A 50 -3.49 2.36 26.49
N THR A 51 -2.22 1.98 26.61
CA THR A 51 -1.81 0.68 27.20
C THR A 51 -2.84 -0.45 27.00
N ASN A 52 -3.36 -0.99 28.11
CA ASN A 52 -4.48 -1.94 28.08
C ASN A 52 -5.55 -1.53 29.09
N GLU A 53 -5.38 -0.34 29.67
CA GLU A 53 -6.38 0.25 30.56
C GLU A 53 -7.47 0.94 29.75
N LYS A 54 -7.58 0.55 28.47
CA LYS A 54 -8.63 1.01 27.53
C LYS A 54 -8.42 2.43 26.97
N GLU A 55 -8.15 3.39 27.87
CA GLU A 55 -8.06 4.79 27.48
C GLU A 55 -6.65 5.37 27.52
N PRO A 56 -6.34 6.32 26.61
CA PRO A 56 -5.07 7.08 26.65
C PRO A 56 -5.02 8.13 27.77
N GLN A 57 -5.95 8.06 28.72
CA GLN A 57 -6.02 8.93 29.90
C GLN A 57 -6.39 10.39 29.63
N THR A 58 -5.86 10.96 28.55
CA THR A 58 -6.02 12.37 28.15
C THR A 58 -5.50 13.40 29.19
N GLU A 59 -5.14 12.91 30.38
CA GLU A 59 -4.44 13.72 31.38
C GLU A 59 -2.95 13.43 31.32
N ALA A 60 -2.61 12.15 31.13
CA ALA A 60 -1.23 11.72 30.97
C ALA A 60 -0.73 12.07 29.57
N VAL A 61 -1.65 12.07 28.61
CA VAL A 61 -1.36 12.43 27.22
C VAL A 61 -1.14 13.93 27.06
N ALA A 62 -1.84 14.71 27.88
CA ALA A 62 -1.67 16.17 27.88
C ALA A 62 -0.32 16.57 28.47
N GLN A 63 0.01 16.01 29.62
CA GLN A 63 1.27 16.29 30.32
C GLN A 63 2.49 15.87 29.50
N LEU A 64 2.33 14.80 28.72
CA LEU A 64 3.38 14.33 27.82
C LEU A 64 3.59 15.29 26.65
N ALA A 65 2.50 15.70 26.01
CA ALA A 65 2.52 16.52 24.80
C ALA A 65 3.37 17.80 24.90
N GLN A 66 3.28 18.50 26.03
CA GLN A 66 4.00 19.74 26.23
C GLN A 66 5.51 19.50 26.39
N GLU A 67 5.85 18.44 27.12
CA GLU A 67 7.24 18.06 27.39
C GLU A 67 7.98 17.58 26.13
N LEU A 68 7.63 18.16 24.98
CA LEU A 68 8.17 17.70 23.69
C LEU A 68 8.72 18.83 22.81
N TYR A 69 7.95 19.90 22.64
CA TYR A 69 8.41 21.09 21.92
C TYR A 69 9.51 21.75 22.75
N ASN A 70 9.35 21.64 24.06
CA ASN A 70 10.30 22.17 25.03
C ASN A 70 11.68 21.50 24.94
N SER A 71 11.69 20.19 24.75
CA SER A 71 12.95 19.45 24.59
C SER A 71 13.52 19.60 23.18
N GLY A 72 12.64 19.84 22.20
CA GLY A 72 13.02 20.07 20.81
C GLY A 72 13.66 18.88 20.12
N LEU A 73 13.52 17.70 20.72
CA LEU A 73 14.10 16.45 20.20
C LEU A 73 13.47 16.02 18.87
N LEU A 74 12.25 16.48 18.61
CA LEU A 74 11.53 16.14 17.37
C LEU A 74 12.31 16.55 16.12
N SER A 75 12.83 17.78 16.10
CA SER A 75 13.66 18.26 14.99
C SER A 75 14.79 17.28 14.69
N THR A 76 15.59 16.97 15.70
CA THR A 76 16.74 16.07 15.58
C THR A 76 16.35 14.59 15.36
N LEU A 77 15.18 14.20 15.87
CA LEU A 77 14.66 12.84 15.69
C LEU A 77 14.46 12.57 14.20
N VAL A 78 13.93 13.58 13.51
CA VAL A 78 13.79 13.59 12.05
C VAL A 78 15.17 13.76 11.38
N ALA A 79 16.03 14.57 12.01
CA ALA A 79 17.36 14.86 11.46
C ALA A 79 18.25 13.63 11.40
N ASP A 80 17.91 12.61 12.19
CA ASP A 80 18.70 11.39 12.26
C ASP A 80 17.82 10.12 12.22
N LEU A 81 16.75 10.17 11.42
CA LEU A 81 15.82 9.03 11.28
C LEU A 81 16.52 7.80 10.72
N GLN A 82 17.51 8.03 9.86
CA GLN A 82 18.30 6.96 9.26
C GLN A 82 18.97 6.07 10.32
N LEU A 83 19.26 6.65 11.48
CA LEU A 83 19.97 5.96 12.55
C LEU A 83 19.07 5.01 13.36
N ILE A 84 17.76 5.26 13.34
CA ILE A 84 16.79 4.42 14.06
C ILE A 84 16.59 3.09 13.31
N ASP A 85 16.05 2.08 14.00
CA ASP A 85 15.75 0.79 13.39
C ASP A 85 14.36 0.83 12.74
N PHE A 86 14.11 -0.13 11.85
CA PHE A 86 12.87 -0.22 11.05
C PHE A 86 11.60 -0.03 11.87
N GLU A 87 11.46 -0.84 12.91
CA GLU A 87 10.24 -0.87 13.73
C GLU A 87 10.17 0.38 14.62
N GLY A 88 11.34 0.94 14.94
CA GLY A 88 11.43 2.20 15.67
C GLY A 88 11.03 3.38 14.80
N LYS A 89 11.55 3.41 13.57
CA LYS A 89 11.14 4.40 12.58
C LYS A 89 9.64 4.38 12.39
N LYS A 90 9.07 3.17 12.33
CA LYS A 90 7.63 2.96 12.34
C LYS A 90 6.93 3.61 13.54
N ASP A 91 7.52 3.45 14.72
CA ASP A 91 7.03 4.09 15.94
C ASP A 91 7.07 5.60 15.81
N VAL A 92 8.23 6.14 15.42
CA VAL A 92 8.45 7.58 15.32
C VAL A 92 7.29 8.29 14.60
N ALA A 93 6.92 7.76 13.44
CA ALA A 93 5.81 8.30 12.67
C ALA A 93 4.49 8.13 13.40
N GLN A 94 4.30 6.97 14.01
CA GLN A 94 3.07 6.64 14.72
C GLN A 94 2.81 7.59 15.90
N ILE A 95 3.89 7.94 16.61
CA ILE A 95 3.83 8.87 17.74
C ILE A 95 3.60 10.29 17.23
N PHE A 96 4.37 10.67 16.21
CA PHE A 96 4.26 11.97 15.55
C PHE A 96 2.86 12.22 14.99
N ASN A 97 2.29 11.20 14.36
CA ASN A 97 0.96 11.29 13.77
C ASN A 97 -0.17 11.53 14.77
N ASN A 98 0.06 11.12 16.02
CA ASN A 98 -0.86 11.37 17.12
C ASN A 98 -0.85 12.84 17.50
N ILE A 99 0.35 13.35 17.75
CA ILE A 99 0.54 14.73 18.23
C ILE A 99 0.04 15.75 17.21
N LEU A 100 0.42 15.57 15.95
CA LEU A 100 -0.03 16.43 14.85
C LEU A 100 -1.55 16.61 14.84
N ARG A 101 -2.28 15.57 15.24
CA ARG A 101 -3.74 15.57 15.25
C ARG A 101 -4.35 16.21 16.50
N ARG A 102 -3.80 15.87 17.67
CA ARG A 102 -4.40 16.23 18.96
C ARG A 102 -4.54 17.74 19.20
N GLN A 103 -5.72 18.12 19.65
CA GLN A 103 -6.01 19.51 20.04
C GLN A 103 -7.07 19.58 21.14
N ILE A 104 -7.15 20.72 21.82
CA ILE A 104 -8.18 20.99 22.84
C ILE A 104 -9.58 21.01 22.21
N GLY A 105 -9.64 21.54 20.98
CA GLY A 105 -10.88 21.62 20.21
C GLY A 105 -10.83 22.87 19.34
N THR A 106 -10.48 23.98 19.98
CA THR A 106 -10.38 25.29 19.35
C THR A 106 -9.23 25.38 18.35
N ARG A 107 -8.04 24.94 18.77
CA ARG A 107 -6.82 25.07 17.96
C ARG A 107 -5.85 23.91 18.18
N THR A 108 -5.21 23.47 17.09
CA THR A 108 -4.18 22.42 17.13
C THR A 108 -2.82 23.00 17.52
N PRO A 109 -2.34 22.68 18.74
CA PRO A 109 -1.09 23.25 19.25
C PRO A 109 0.14 22.78 18.49
N THR A 110 0.08 21.57 17.95
CA THR A 110 1.18 21.00 17.17
C THR A 110 1.47 21.85 15.93
N VAL A 111 0.40 22.36 15.32
CA VAL A 111 0.50 23.23 14.15
C VAL A 111 1.26 24.51 14.50
N GLU A 112 0.86 25.15 15.61
CA GLU A 112 1.49 26.38 16.07
C GLU A 112 2.95 26.17 16.48
N TYR A 113 3.26 24.98 16.99
CA TYR A 113 4.62 24.63 17.41
C TYR A 113 5.57 24.42 16.22
N ILE A 114 5.05 23.78 15.17
CA ILE A 114 5.83 23.55 13.95
C ILE A 114 5.94 24.83 13.13
N CYS A 115 4.99 25.74 13.33
CA CYS A 115 5.07 27.08 12.77
C CYS A 115 6.31 27.80 13.30
N THR A 116 6.72 27.46 14.52
CA THR A 116 7.92 28.02 15.14
C THR A 116 9.18 27.34 14.59
N GLN A 117 9.43 26.10 15.04
CA GLN A 117 10.52 25.30 14.52
C GLN A 117 10.20 24.89 13.09
N GLN A 118 10.63 25.73 12.14
CA GLN A 118 10.23 25.63 10.73
C GLN A 118 10.98 24.57 9.93
N ASN A 119 12.31 24.59 10.02
CA ASN A 119 13.18 23.73 9.22
C ASN A 119 12.92 22.22 9.42
N ILE A 120 12.04 21.90 10.36
CA ILE A 120 11.66 20.51 10.61
C ILE A 120 10.88 19.90 9.43
N LEU A 121 10.15 20.73 8.70
CA LEU A 121 9.30 20.30 7.57
C LEU A 121 10.12 19.87 6.36
N PHE A 122 11.12 20.67 6.00
CA PHE A 122 11.92 20.44 4.80
C PHE A 122 12.95 19.32 4.97
N MET A 123 13.26 18.98 6.22
CA MET A 123 14.06 17.81 6.53
C MET A 123 13.38 16.55 6.02
N LEU A 124 12.04 16.57 6.07
CA LEU A 124 11.22 15.46 5.61
C LEU A 124 11.19 15.38 4.09
N LEU A 125 11.01 16.53 3.42
CA LEU A 125 11.02 16.55 1.96
C LEU A 125 12.39 16.14 1.43
N LYS A 126 13.43 16.36 2.24
CA LYS A 126 14.79 15.94 1.92
C LYS A 126 14.94 14.42 2.05
N GLY A 127 14.16 13.84 2.96
CA GLY A 127 14.16 12.39 3.19
C GLY A 127 13.88 11.55 1.95
N TYR A 128 13.35 12.18 0.90
CA TYR A 128 13.07 11.50 -0.37
C TYR A 128 14.33 11.07 -1.13
N GLU A 129 15.50 11.54 -0.67
CA GLU A 129 16.77 11.19 -1.28
C GLU A 129 17.42 9.98 -0.59
N SER A 130 17.08 9.77 0.68
CA SER A 130 17.46 8.56 1.41
C SER A 130 16.42 7.48 1.16
N PRO A 131 16.78 6.42 0.42
CA PRO A 131 15.77 5.38 0.14
C PRO A 131 15.35 4.63 1.40
N GLU A 132 16.26 4.53 2.37
CA GLU A 132 15.97 3.84 3.64
C GLU A 132 15.07 4.65 4.57
N ILE A 133 14.83 5.92 4.23
CA ILE A 133 14.00 6.80 5.05
C ILE A 133 12.83 7.44 4.27
N ALA A 134 12.86 7.29 2.94
CA ALA A 134 11.95 8.03 2.04
C ALA A 134 10.48 7.81 2.33
N LEU A 135 10.12 6.55 2.58
CA LEU A 135 8.72 6.15 2.72
C LEU A 135 8.15 6.64 4.04
N ASN A 136 8.88 6.37 5.11
CA ASN A 136 8.59 6.91 6.44
C ASN A 136 8.21 8.39 6.34
N CYS A 137 9.12 9.18 5.78
CA CYS A 137 8.94 10.62 5.61
C CYS A 137 7.64 10.98 4.90
N GLY A 138 7.25 10.14 3.94
CA GLY A 138 6.00 10.33 3.23
C GLY A 138 4.83 10.32 4.18
N ILE A 139 4.79 9.30 5.04
CA ILE A 139 3.70 9.12 6.00
C ILE A 139 3.54 10.35 6.91
N MET A 140 4.67 11.00 7.21
CA MET A 140 4.70 12.18 8.06
C MET A 140 4.17 13.41 7.34
N LEU A 141 4.73 13.71 6.17
CA LEU A 141 4.36 14.89 5.41
C LEU A 141 2.91 14.91 4.95
N ARG A 142 2.39 13.76 4.52
CA ARG A 142 1.00 13.68 4.10
C ARG A 142 0.04 13.85 5.28
N GLU A 143 0.57 13.58 6.48
CA GLU A 143 -0.11 13.88 7.75
C GLU A 143 0.04 15.37 8.07
N CYS A 144 1.15 15.96 7.60
CA CYS A 144 1.44 17.38 7.81
C CYS A 144 0.69 18.29 6.84
N ILE A 145 0.54 17.85 5.60
CA ILE A 145 -0.15 18.64 4.58
C ILE A 145 -1.64 18.80 4.91
N ARG A 146 -2.16 17.90 5.75
CA ARG A 146 -3.57 17.92 6.16
C ARG A 146 -3.96 19.23 6.83
N HIS A 147 -3.01 19.85 7.52
CA HIS A 147 -3.20 21.14 8.18
C HIS A 147 -2.80 22.28 7.27
N GLU A 148 -3.71 23.24 7.09
CA GLU A 148 -3.53 24.38 6.18
C GLU A 148 -2.23 25.19 6.42
N PRO A 149 -1.94 25.58 7.68
CA PRO A 149 -0.77 26.41 7.94
C PRO A 149 0.56 25.74 7.64
N LEU A 150 0.57 24.40 7.60
CA LEU A 150 1.75 23.63 7.23
C LEU A 150 1.84 23.49 5.71
N ALA A 151 0.68 23.39 5.07
CA ALA A 151 0.58 23.30 3.62
C ALA A 151 1.03 24.59 2.94
N LYS A 152 0.74 25.72 3.57
CA LYS A 152 1.17 27.02 3.09
C LYS A 152 2.70 27.08 2.95
N ILE A 153 3.39 26.54 3.95
CA ILE A 153 4.84 26.58 4.04
C ILE A 153 5.54 25.86 2.87
N ILE A 154 5.05 24.69 2.51
CA ILE A 154 5.74 23.84 1.54
C ILE A 154 5.46 24.22 0.08
N LEU A 155 4.18 24.45 -0.23
CA LEU A 155 3.77 24.74 -1.61
C LEU A 155 4.48 25.98 -2.14
N TRP A 156 4.67 26.96 -1.26
CA TRP A 156 5.30 28.23 -1.64
C TRP A 156 6.78 28.26 -1.35
N SER A 157 7.39 27.09 -1.16
CA SER A 157 8.84 26.98 -0.89
C SER A 157 9.64 26.75 -2.17
N GLU A 158 10.94 27.07 -2.11
CA GLU A 158 11.86 26.81 -3.21
C GLU A 158 12.10 25.32 -3.37
N GLN A 159 12.15 24.61 -2.23
CA GLN A 159 12.34 23.16 -2.22
C GLN A 159 11.15 22.41 -2.84
N PHE A 160 10.12 23.16 -3.25
CA PHE A 160 8.94 22.55 -3.84
C PHE A 160 9.21 21.94 -5.21
N TYR A 161 10.06 22.58 -5.99
CA TYR A 161 10.28 22.15 -7.38
C TYR A 161 11.30 21.00 -7.46
N ASP A 162 11.57 20.38 -6.33
CA ASP A 162 12.42 19.19 -6.26
C ASP A 162 11.65 17.94 -6.66
N PHE A 163 10.35 17.95 -6.35
CA PHE A 163 9.45 16.85 -6.69
C PHE A 163 9.60 16.38 -8.14
N PHE A 164 9.78 17.31 -9.06
CA PHE A 164 9.77 16.99 -10.49
C PHE A 164 10.87 16.02 -10.91
N ARG A 165 11.82 15.78 -10.02
CA ARG A 165 12.79 14.71 -10.26
C ARG A 165 12.78 13.68 -9.12
N TYR A 166 12.07 14.01 -8.03
CA TYR A 166 11.71 13.02 -7.02
C TYR A 166 10.71 12.03 -7.63
N VAL A 167 9.73 12.56 -8.37
CA VAL A 167 8.73 11.72 -9.02
C VAL A 167 9.28 11.07 -10.28
N GLU A 168 10.59 11.21 -10.46
CA GLU A 168 11.28 10.52 -11.55
C GLU A 168 12.35 9.57 -11.02
N MET A 169 12.61 9.64 -9.72
CA MET A 169 13.57 8.76 -9.01
C MET A 169 13.45 7.31 -9.48
N SER A 170 14.62 6.69 -9.68
CA SER A 170 14.71 5.34 -10.24
C SER A 170 13.88 4.28 -9.48
N THR A 171 13.77 4.40 -8.16
CA THR A 171 12.92 3.51 -7.36
C THR A 171 11.44 3.83 -7.57
N PHE A 172 10.75 2.88 -8.18
CA PHE A 172 9.33 3.04 -8.50
C PHE A 172 8.48 3.31 -7.26
N ASP A 173 8.71 2.53 -6.20
CA ASP A 173 8.06 2.73 -4.92
C ASP A 173 8.19 4.17 -4.45
N ILE A 174 9.42 4.63 -4.31
CA ILE A 174 9.70 5.99 -3.87
C ILE A 174 9.16 7.05 -4.85
N ALA A 175 9.34 6.81 -6.15
CA ALA A 175 8.80 7.73 -7.14
C ALA A 175 7.31 7.88 -6.90
N SER A 176 6.62 6.76 -6.72
CA SER A 176 5.18 6.76 -6.49
C SER A 176 4.80 7.54 -5.23
N ASP A 177 5.43 7.18 -4.11
CA ASP A 177 5.17 7.79 -2.82
C ASP A 177 5.35 9.31 -2.86
N ALA A 178 6.34 9.76 -3.64
CA ALA A 178 6.58 11.20 -3.80
C ALA A 178 5.41 11.84 -4.54
N PHE A 179 5.01 11.23 -5.65
CA PHE A 179 3.87 11.69 -6.42
C PHE A 179 2.60 11.80 -5.56
N ALA A 180 2.46 10.90 -4.58
CA ALA A 180 1.31 10.92 -3.68
C ALA A 180 1.27 12.17 -2.83
N THR A 181 2.44 12.63 -2.39
CA THR A 181 2.55 13.88 -1.65
C THR A 181 2.29 15.03 -2.62
N PHE A 182 3.06 15.04 -3.69
CA PHE A 182 2.89 15.97 -4.80
C PHE A 182 1.41 16.18 -5.16
N LYS A 183 0.68 15.08 -5.35
CA LYS A 183 -0.77 15.12 -5.62
C LYS A 183 -1.49 15.84 -4.48
N ASP A 184 -1.25 15.37 -3.26
CA ASP A 184 -1.95 15.85 -2.06
C ASP A 184 -1.71 17.32 -1.77
N LEU A 185 -0.59 17.87 -2.22
CA LEU A 185 -0.33 19.29 -2.03
C LEU A 185 -1.19 20.11 -2.99
N LEU A 186 -1.05 19.85 -4.28
CA LEU A 186 -1.80 20.58 -5.32
C LEU A 186 -3.29 20.24 -5.33
N THR A 187 -3.77 19.51 -4.32
CA THR A 187 -5.19 19.18 -4.24
C THR A 187 -5.83 19.57 -2.90
N ARG A 188 -5.28 19.04 -1.81
CA ARG A 188 -5.87 19.09 -0.45
C ARG A 188 -6.72 20.30 -0.10
N HIS A 189 -6.10 21.47 -0.05
CA HIS A 189 -6.81 22.70 0.21
C HIS A 189 -6.93 23.43 -1.09
N LYS A 190 -8.02 23.16 -1.80
CA LYS A 190 -8.23 23.66 -3.16
C LYS A 190 -8.21 25.19 -3.26
N LEU A 191 -8.62 25.87 -2.19
CA LEU A 191 -8.59 27.35 -2.12
C LEU A 191 -7.19 27.88 -1.79
N LEU A 192 -6.37 27.03 -1.17
CA LEU A 192 -4.97 27.32 -0.96
C LEU A 192 -4.17 26.94 -2.22
N SER A 193 -4.43 25.74 -2.74
CA SER A 193 -3.77 25.22 -3.93
C SER A 193 -4.00 26.08 -5.17
N ALA A 194 -5.22 26.61 -5.33
CA ALA A 194 -5.56 27.46 -6.46
C ALA A 194 -4.74 28.75 -6.49
N GLU A 195 -4.55 29.34 -5.31
CA GLU A 195 -3.81 30.58 -5.16
C GLU A 195 -2.34 30.46 -5.60
N PHE A 196 -1.83 29.24 -5.60
CA PHE A 196 -0.44 29.01 -5.98
C PHE A 196 -0.24 28.96 -7.49
N LEU A 197 -1.19 28.36 -8.21
CA LEU A 197 -0.97 27.98 -9.62
C LEU A 197 -0.95 29.12 -10.66
N GLU A 198 -1.77 30.16 -10.49
CA GLU A 198 -1.76 31.29 -11.42
C GLU A 198 -0.63 32.26 -11.10
N GLN A 199 -0.17 32.21 -9.84
CA GLN A 199 0.91 33.05 -9.35
C GLN A 199 2.26 32.46 -9.78
N HIS A 200 2.23 31.27 -10.37
CA HIS A 200 3.45 30.55 -10.74
C HIS A 200 3.33 29.77 -12.02
N TYR A 201 2.31 30.08 -12.83
CA TYR A 201 1.99 29.30 -14.05
C TYR A 201 3.20 28.89 -14.88
N ASP A 202 3.98 29.88 -15.32
CA ASP A 202 5.07 29.66 -16.27
C ASP A 202 6.01 28.52 -15.84
N ARG A 203 6.64 28.69 -14.68
CA ARG A 203 7.64 27.73 -14.16
C ARG A 203 7.02 26.39 -13.81
N PHE A 204 5.89 26.42 -13.10
CA PHE A 204 5.21 25.18 -12.71
C PHE A 204 4.87 24.33 -13.93
N PHE A 205 4.23 24.94 -14.93
CA PHE A 205 3.83 24.19 -16.11
C PHE A 205 4.96 23.91 -17.07
N SER A 206 6.04 24.68 -16.95
CA SER A 206 7.26 24.41 -17.70
C SER A 206 7.79 23.02 -17.33
N GLU A 207 7.95 22.79 -16.02
CA GLU A 207 8.45 21.53 -15.50
C GLU A 207 7.43 20.40 -15.62
N TYR A 208 6.16 20.75 -15.48
CA TYR A 208 5.09 19.77 -15.62
C TYR A 208 5.03 19.21 -17.03
N GLU A 209 5.28 20.07 -18.03
CA GLU A 209 5.26 19.67 -19.43
C GLU A 209 6.27 18.56 -19.72
N LYS A 210 7.36 18.55 -18.96
CA LYS A 210 8.37 17.51 -19.06
C LYS A 210 7.80 16.17 -18.62
N LEU A 211 7.00 16.19 -17.54
CA LEU A 211 6.33 14.99 -17.03
C LEU A 211 5.53 14.26 -18.09
N LEU A 212 4.73 15.00 -18.86
CA LEU A 212 3.86 14.42 -19.87
C LEU A 212 4.66 13.80 -21.02
N HIS A 213 5.93 14.17 -21.11
CA HIS A 213 6.85 13.61 -22.10
C HIS A 213 7.68 12.46 -21.58
N SER A 214 7.40 12.00 -20.36
CA SER A 214 8.22 10.97 -19.71
C SER A 214 8.26 9.62 -20.42
N GLU A 215 9.41 8.96 -20.28
CA GLU A 215 9.61 7.59 -20.76
C GLU A 215 8.86 6.60 -19.86
N ASN A 216 8.71 6.97 -18.59
CA ASN A 216 8.04 6.16 -17.58
C ASN A 216 6.53 6.19 -17.75
N TYR A 217 5.96 5.02 -18.04
CA TYR A 217 4.53 4.90 -18.32
C TYR A 217 3.59 5.40 -17.20
N VAL A 218 3.88 5.01 -15.97
CA VAL A 218 3.07 5.43 -14.82
C VAL A 218 3.16 6.95 -14.63
N THR A 219 4.39 7.48 -14.57
CA THR A 219 4.60 8.93 -14.42
C THR A 219 3.77 9.70 -15.44
N LYS A 220 3.91 9.34 -16.71
CA LYS A 220 3.14 9.91 -17.80
C LYS A 220 1.65 9.88 -17.50
N ARG A 221 1.13 8.68 -17.25
CA ARG A 221 -0.30 8.45 -17.00
C ARG A 221 -0.81 9.32 -15.86
N GLN A 222 -0.20 9.15 -14.70
CA GLN A 222 -0.62 9.82 -13.47
C GLN A 222 -0.60 11.34 -13.56
N SER A 223 0.35 11.88 -14.33
CA SER A 223 0.48 13.32 -14.51
C SER A 223 -0.64 13.85 -15.39
N LEU A 224 -0.88 13.14 -16.48
CA LEU A 224 -1.96 13.46 -17.43
C LEU A 224 -3.34 13.41 -16.73
N LYS A 225 -3.52 12.38 -15.91
CA LYS A 225 -4.70 12.21 -15.09
C LYS A 225 -4.82 13.35 -14.10
N LEU A 226 -3.70 13.70 -13.45
CA LEU A 226 -3.68 14.79 -12.46
C LEU A 226 -3.90 16.14 -13.12
N LEU A 227 -3.44 16.31 -14.35
CA LEU A 227 -3.75 17.54 -15.08
C LEU A 227 -5.26 17.68 -15.21
N GLY A 228 -5.91 16.62 -15.67
CA GLY A 228 -7.35 16.58 -15.84
C GLY A 228 -8.11 17.09 -14.64
N GLU A 229 -7.91 16.44 -13.49
CA GLU A 229 -8.57 16.82 -12.24
C GLU A 229 -8.31 18.28 -11.86
N LEU A 230 -7.06 18.73 -11.99
CA LEU A 230 -6.69 20.11 -11.67
C LEU A 230 -7.51 21.11 -12.47
N LEU A 231 -7.75 20.80 -13.74
CA LEU A 231 -8.53 21.69 -14.62
C LEU A 231 -10.03 21.64 -14.31
N LEU A 232 -10.59 20.43 -14.29
CA LEU A 232 -12.02 20.23 -14.03
C LEU A 232 -12.35 20.54 -12.57
N ASP A 233 -11.94 21.72 -12.13
CA ASP A 233 -12.03 22.12 -10.74
C ASP A 233 -12.56 23.53 -10.69
N ARG A 234 -13.54 23.75 -9.80
CA ARG A 234 -14.17 25.05 -9.64
C ARG A 234 -13.19 26.12 -9.15
N HIS A 235 -12.26 25.71 -8.28
CA HIS A 235 -11.29 26.64 -7.70
C HIS A 235 -10.17 27.03 -8.64
N ASN A 236 -9.90 26.17 -9.62
CA ASN A 236 -8.78 26.39 -10.55
C ASN A 236 -9.19 26.93 -11.92
N PHE A 237 -10.36 27.54 -11.99
CA PHE A 237 -10.92 28.03 -13.24
C PHE A 237 -10.01 29.01 -13.99
N THR A 238 -9.33 29.88 -13.26
CA THR A 238 -8.47 30.92 -13.84
C THR A 238 -7.21 30.31 -14.47
N ILE A 239 -6.80 29.14 -13.98
CA ILE A 239 -5.63 28.46 -14.51
C ILE A 239 -5.98 27.67 -15.77
N MET A 240 -7.10 26.95 -15.72
CA MET A 240 -7.54 26.12 -16.83
C MET A 240 -7.72 26.93 -18.11
N THR A 241 -8.36 28.09 -17.99
CA THR A 241 -8.58 29.00 -19.12
C THR A 241 -7.26 29.49 -19.70
N LYS A 242 -6.30 29.75 -18.80
CA LYS A 242 -4.96 30.19 -19.20
C LYS A 242 -4.16 29.05 -19.82
N TYR A 243 -4.59 27.81 -19.56
CA TYR A 243 -3.93 26.64 -20.09
C TYR A 243 -4.52 26.20 -21.43
N ILE A 244 -5.86 26.18 -21.52
CA ILE A 244 -6.59 25.66 -22.68
C ILE A 244 -6.59 26.61 -23.88
N SER A 245 -5.57 27.45 -23.95
CA SER A 245 -5.49 28.50 -24.94
C SER A 245 -4.10 28.57 -25.56
N LYS A 246 -3.06 28.24 -24.78
CA LYS A 246 -1.73 28.06 -25.35
C LYS A 246 -1.75 26.86 -26.29
N PRO A 247 -1.33 27.07 -27.56
CA PRO A 247 -1.46 26.06 -28.62
C PRO A 247 -0.44 24.93 -28.52
N GLU A 248 0.58 25.10 -27.68
CA GLU A 248 1.59 24.06 -27.43
C GLU A 248 0.96 22.94 -26.63
N ASN A 249 0.12 23.33 -25.68
CA ASN A 249 -0.62 22.41 -24.83
C ASN A 249 -1.55 21.49 -25.62
N LEU A 250 -2.15 22.03 -26.67
CA LEU A 250 -3.07 21.27 -27.50
C LEU A 250 -2.30 20.45 -28.52
N LYS A 251 -1.12 20.92 -28.90
CA LYS A 251 -0.27 20.18 -29.81
C LYS A 251 0.08 18.82 -29.20
N LEU A 252 0.42 18.84 -27.92
CA LEU A 252 0.85 17.65 -27.19
C LEU A 252 -0.28 16.64 -27.03
N MET A 253 -1.38 17.08 -26.42
CA MET A 253 -2.54 16.22 -26.15
C MET A 253 -2.97 15.43 -27.37
N MET A 254 -3.05 16.12 -28.49
CA MET A 254 -3.40 15.49 -29.77
C MET A 254 -2.50 14.32 -30.09
N ASN A 255 -1.21 14.46 -29.82
CA ASN A 255 -0.25 13.39 -30.05
C ASN A 255 -0.42 12.26 -29.05
N LEU A 256 -0.60 12.61 -27.78
CA LEU A 256 -0.84 11.61 -26.75
C LEU A 256 -2.02 10.70 -27.10
N LEU A 257 -2.92 11.18 -27.94
CA LEU A 257 -4.04 10.38 -28.43
C LEU A 257 -3.60 9.27 -29.41
N ARG A 258 -2.37 9.41 -29.93
CA ARG A 258 -1.80 8.41 -30.85
C ARG A 258 -0.97 7.39 -30.08
N ASP A 259 -0.80 7.63 -28.78
CA ASP A 259 0.05 6.82 -27.91
C ASP A 259 -0.19 5.32 -28.01
N LYS A 260 0.89 4.55 -27.87
CA LYS A 260 0.84 3.09 -27.92
C LYS A 260 -0.21 2.52 -26.97
N SER A 261 -0.50 3.28 -25.92
CA SER A 261 -1.33 2.83 -24.82
C SER A 261 -2.75 3.36 -24.81
N ARG A 262 -3.68 2.42 -24.67
CA ARG A 262 -5.10 2.68 -24.57
C ARG A 262 -5.39 3.66 -23.43
N ASN A 263 -4.97 3.30 -22.22
CA ASN A 263 -5.23 4.12 -21.04
C ASN A 263 -4.72 5.54 -21.14
N ILE A 264 -3.50 5.68 -21.64
CA ILE A 264 -2.89 6.99 -21.83
C ILE A 264 -3.74 7.84 -22.77
N GLN A 265 -4.12 7.26 -23.92
CA GLN A 265 -4.95 7.96 -24.91
C GLN A 265 -6.24 8.48 -24.29
N PHE A 266 -6.95 7.57 -23.63
CA PHE A 266 -8.22 7.87 -23.01
C PHE A 266 -8.03 8.99 -21.99
N GLU A 267 -6.97 8.90 -21.20
CA GLU A 267 -6.66 9.97 -20.25
C GLU A 267 -6.40 11.32 -20.94
N ALA A 268 -5.72 11.27 -22.09
CA ALA A 268 -5.45 12.47 -22.90
C ALA A 268 -6.73 13.09 -23.45
N PHE A 269 -7.64 12.24 -23.91
CA PHE A 269 -8.92 12.66 -24.47
C PHE A 269 -9.67 13.60 -23.52
N HIS A 270 -9.54 13.36 -22.22
CA HIS A 270 -10.25 14.15 -21.22
C HIS A 270 -9.69 15.52 -21.01
N VAL A 271 -8.43 15.69 -21.37
CA VAL A 271 -7.83 17.02 -21.41
C VAL A 271 -8.15 17.64 -22.78
N PHE A 272 -8.05 16.82 -23.82
CA PHE A 272 -8.34 17.24 -25.19
C PHE A 272 -9.71 17.90 -25.32
N LYS A 273 -10.74 17.25 -24.80
CA LYS A 273 -12.13 17.74 -24.92
C LYS A 273 -12.32 19.17 -24.38
N VAL A 274 -11.51 19.53 -23.38
CA VAL A 274 -11.64 20.83 -22.70
C VAL A 274 -11.21 22.00 -23.60
N PHE A 275 -10.26 21.73 -24.48
CA PHE A 275 -9.82 22.68 -25.50
C PHE A 275 -10.95 22.94 -26.50
N VAL A 276 -11.60 21.85 -26.92
CA VAL A 276 -12.57 21.87 -28.01
C VAL A 276 -13.98 22.27 -27.53
N ALA A 277 -14.14 22.36 -26.21
CA ALA A 277 -15.43 22.77 -25.62
C ALA A 277 -15.46 24.25 -25.27
N ASN A 278 -14.35 24.94 -25.49
CA ASN A 278 -14.17 26.33 -25.07
C ASN A 278 -15.10 27.32 -25.80
N PRO A 279 -15.97 28.01 -25.04
CA PRO A 279 -16.85 29.02 -25.62
C PRO A 279 -16.12 30.30 -25.98
N ASN A 280 -14.86 30.39 -25.56
CA ASN A 280 -14.01 31.53 -25.88
C ASN A 280 -12.64 31.05 -26.36
N LYS A 281 -12.64 30.26 -27.44
CA LYS A 281 -11.42 29.80 -28.07
C LYS A 281 -10.64 30.99 -28.61
N THR A 282 -9.32 30.93 -28.48
CA THR A 282 -8.46 31.97 -29.03
C THR A 282 -7.80 31.47 -30.31
N GLN A 283 -7.42 32.42 -31.17
CA GLN A 283 -6.99 32.14 -32.55
C GLN A 283 -6.09 30.90 -32.78
N PRO A 284 -4.89 30.85 -32.14
CA PRO A 284 -3.95 29.74 -32.40
C PRO A 284 -4.56 28.34 -32.23
N ILE A 285 -5.49 28.20 -31.28
CA ILE A 285 -6.24 26.97 -31.07
C ILE A 285 -7.06 26.61 -32.32
N LEU A 286 -7.75 27.60 -32.87
CA LEU A 286 -8.56 27.40 -34.07
C LEU A 286 -7.73 27.12 -35.33
N ASP A 287 -6.57 27.79 -35.41
CA ASP A 287 -5.61 27.53 -36.48
C ASP A 287 -5.25 26.06 -36.57
N ILE A 288 -5.00 25.45 -35.41
CA ILE A 288 -4.64 24.04 -35.31
C ILE A 288 -5.85 23.13 -35.58
N LEU A 289 -7.00 23.49 -35.01
CA LEU A 289 -8.20 22.66 -35.13
C LEU A 289 -8.77 22.62 -36.55
N LEU A 290 -8.70 23.78 -37.23
CA LEU A 290 -9.19 23.89 -38.60
C LEU A 290 -8.30 23.18 -39.61
N LYS A 291 -6.99 23.27 -39.39
CA LYS A 291 -6.00 22.65 -40.28
C LYS A 291 -6.08 21.12 -40.21
N ASN A 292 -6.57 20.61 -39.08
CA ASN A 292 -6.68 19.18 -38.87
C ASN A 292 -8.10 18.65 -38.91
N GLN A 293 -9.05 19.56 -39.14
CA GLN A 293 -10.49 19.25 -39.21
C GLN A 293 -10.83 17.92 -39.90
N ALA A 294 -10.31 17.73 -41.11
CA ALA A 294 -10.60 16.56 -41.93
C ALA A 294 -10.22 15.25 -41.23
N LYS A 295 -8.97 15.17 -40.80
CA LYS A 295 -8.41 13.97 -40.15
C LYS A 295 -8.96 13.75 -38.73
N LEU A 296 -9.48 14.80 -38.10
CA LEU A 296 -10.00 14.73 -36.72
C LEU A 296 -11.35 14.02 -36.62
N ILE A 297 -12.32 14.45 -37.43
CA ILE A 297 -13.60 13.77 -37.55
C ILE A 297 -13.34 12.31 -37.92
N GLU A 298 -12.36 12.10 -38.77
CA GLU A 298 -11.89 10.78 -39.17
C GLU A 298 -11.39 9.95 -37.98
N PHE A 299 -10.78 10.62 -37.00
CA PHE A 299 -10.22 9.95 -35.83
C PHE A 299 -11.28 9.59 -34.78
N LEU A 300 -12.03 10.60 -34.34
CA LEU A 300 -13.05 10.45 -33.30
C LEU A 300 -14.16 9.46 -33.65
N SER A 301 -14.36 9.25 -34.95
CA SER A 301 -15.29 8.24 -35.42
C SER A 301 -14.82 6.85 -35.01
N LYS A 302 -13.51 6.63 -35.15
CA LYS A 302 -12.89 5.32 -34.94
C LYS A 302 -12.34 5.09 -33.52
N PHE A 303 -12.08 6.20 -32.81
CA PHE A 303 -11.42 6.22 -31.48
C PHE A 303 -12.19 5.54 -30.36
N GLN A 304 -11.68 4.38 -29.94
CA GLN A 304 -12.24 3.57 -28.85
C GLN A 304 -13.76 3.34 -28.94
N ASN A 305 -14.20 2.76 -30.05
CA ASN A 305 -15.60 2.41 -30.26
C ASN A 305 -16.00 1.17 -29.52
N ASP A 306 -14.99 0.35 -29.19
CA ASP A 306 -15.15 -0.85 -28.37
C ASP A 306 -15.85 -0.52 -27.05
N ARG A 307 -15.69 0.72 -26.61
CA ARG A 307 -16.18 1.20 -25.33
C ARG A 307 -17.67 1.59 -25.42
N THR A 308 -18.48 0.60 -25.81
CA THR A 308 -19.87 0.81 -26.25
C THR A 308 -20.85 1.31 -25.17
N GLU A 309 -20.75 0.75 -23.98
CA GLU A 309 -21.65 1.09 -22.88
C GLU A 309 -21.22 2.35 -22.13
N ASP A 310 -20.31 3.15 -22.71
CA ASP A 310 -19.77 4.34 -22.02
C ASP A 310 -20.65 5.60 -22.10
N GLU A 311 -21.74 5.56 -22.86
CA GLU A 311 -22.79 6.60 -22.82
C GLU A 311 -22.23 8.03 -22.81
N GLN A 312 -21.80 8.51 -21.64
CA GLN A 312 -21.25 9.85 -21.48
C GLN A 312 -20.07 10.09 -22.38
N PHE A 313 -19.23 9.08 -22.54
CA PHE A 313 -18.06 9.19 -23.40
C PHE A 313 -18.47 9.35 -24.86
N ASN A 314 -19.38 8.52 -25.32
CA ASN A 314 -19.90 8.64 -26.68
C ASN A 314 -20.65 9.96 -26.91
N ASP A 315 -21.39 10.41 -25.90
CA ASP A 315 -22.03 11.72 -25.93
C ASP A 315 -20.97 12.79 -26.16
N GLU A 316 -19.96 12.80 -25.30
CA GLU A 316 -18.81 13.69 -25.45
C GLU A 316 -18.21 13.59 -26.86
N LYS A 317 -18.09 12.36 -27.39
CA LYS A 317 -17.53 12.16 -28.72
C LYS A 317 -18.37 12.75 -29.83
N THR A 318 -19.65 12.39 -29.90
CA THR A 318 -20.54 12.91 -30.95
C THR A 318 -20.54 14.44 -30.93
N TYR A 319 -20.39 14.99 -29.72
CA TYR A 319 -20.34 16.43 -29.46
C TYR A 319 -19.09 17.07 -30.02
N LEU A 320 -17.94 16.47 -29.72
CA LEU A 320 -16.67 17.00 -30.18
C LEU A 320 -16.61 17.07 -31.70
N VAL A 321 -17.34 16.17 -32.36
CA VAL A 321 -17.39 16.14 -33.83
C VAL A 321 -18.25 17.28 -34.41
N LYS A 322 -19.38 17.59 -33.76
CA LYS A 322 -20.20 18.76 -34.16
C LYS A 322 -19.35 20.02 -34.10
N GLN A 323 -18.64 20.19 -32.99
CA GLN A 323 -17.71 21.31 -32.75
C GLN A 323 -16.67 21.47 -33.85
N ILE A 324 -16.00 20.36 -34.17
CA ILE A 324 -14.93 20.34 -35.17
C ILE A 324 -15.51 20.52 -36.58
N ARG A 325 -16.61 19.82 -36.86
CA ARG A 325 -17.31 19.92 -38.14
C ARG A 325 -17.78 21.36 -38.42
N ASP A 326 -18.37 21.99 -37.41
CA ASP A 326 -18.92 23.34 -37.53
C ASP A 326 -17.92 24.42 -37.11
N LEU A 327 -17.27 25.03 -38.09
CA LEU A 327 -16.33 26.13 -37.84
C LEU A 327 -16.48 27.26 -38.88
N MET B 3 15.02 3.34 -15.15
CA MET B 3 16.08 2.90 -16.09
C MET B 3 16.63 1.49 -15.78
N ALA B 4 16.07 0.85 -14.74
CA ALA B 4 16.49 -0.51 -14.34
C ALA B 4 15.61 -1.58 -15.00
N ASP B 5 16.21 -2.34 -15.92
CA ASP B 5 15.49 -3.40 -16.63
C ASP B 5 15.42 -4.69 -15.83
N PRO B 6 14.22 -5.06 -15.34
CA PRO B 6 14.10 -6.20 -14.45
C PRO B 6 14.38 -7.50 -15.17
N GLU B 7 14.18 -7.52 -16.48
CA GLU B 7 14.41 -8.72 -17.29
C GLU B 7 15.88 -9.12 -17.31
N GLU B 8 16.75 -8.13 -17.13
CA GLU B 8 18.17 -8.37 -17.00
C GLU B 8 18.52 -8.67 -15.56
N LEU B 9 17.91 -7.92 -14.65
CA LEU B 9 18.13 -8.08 -13.23
C LEU B 9 17.69 -9.44 -12.63
N PHE B 10 16.56 -9.96 -13.10
CA PHE B 10 16.01 -11.21 -12.59
C PHE B 10 15.85 -12.23 -13.70
N THR B 11 15.78 -13.50 -13.29
CA THR B 11 15.59 -14.58 -14.24
C THR B 11 14.29 -15.25 -13.88
N LYS B 12 13.35 -15.30 -14.81
CA LYS B 12 12.08 -15.97 -14.55
C LYS B 12 12.23 -17.46 -14.72
N LEU B 13 11.80 -18.22 -13.73
CA LEU B 13 11.81 -19.68 -13.82
C LEU B 13 10.38 -20.19 -13.87
N GLU B 14 10.09 -21.38 -13.35
CA GLU B 14 8.74 -21.96 -13.47
C GLU B 14 7.69 -21.08 -12.77
N ARG B 15 6.45 -21.17 -13.24
CA ARG B 15 5.36 -20.41 -12.64
C ARG B 15 4.77 -21.11 -11.42
N ILE B 16 4.66 -20.37 -10.32
CA ILE B 16 4.09 -20.85 -9.07
C ILE B 16 2.61 -21.15 -9.27
N GLY B 17 1.99 -20.40 -10.18
CA GLY B 17 0.68 -20.73 -10.74
C GLY B 17 0.72 -22.03 -11.54
N LYS B 18 1.25 -23.08 -10.89
CA LYS B 18 1.28 -24.46 -11.38
C LYS B 18 -0.17 -24.93 -11.25
N GLY B 19 -1.03 -24.27 -12.03
CA GLY B 19 -2.42 -24.07 -11.66
C GLY B 19 -2.45 -22.83 -10.76
N SER B 20 -3.24 -21.83 -11.18
CA SER B 20 -3.45 -20.57 -10.46
C SER B 20 -3.08 -19.34 -11.33
N PHE B 21 -2.78 -18.23 -10.67
CA PHE B 21 -2.35 -16.98 -11.31
C PHE B 21 -1.16 -17.17 -12.27
N GLY B 22 -1.40 -16.88 -13.54
CA GLY B 22 -0.36 -16.83 -14.58
C GLY B 22 0.49 -15.57 -14.48
N GLU B 23 0.67 -15.13 -13.24
CA GLU B 23 1.27 -13.85 -12.93
C GLU B 23 2.37 -13.96 -11.89
N VAL B 24 2.61 -15.15 -11.34
CA VAL B 24 3.64 -15.32 -10.31
C VAL B 24 4.64 -16.42 -10.61
N PHE B 25 5.92 -16.06 -10.63
CA PHE B 25 6.99 -17.01 -10.97
C PHE B 25 8.06 -17.13 -9.92
N LYS B 26 8.70 -18.30 -9.89
CA LYS B 26 9.91 -18.49 -9.14
C LYS B 26 11.01 -17.82 -9.98
N GLY B 27 11.93 -17.11 -9.35
CA GLY B 27 13.00 -16.44 -10.07
C GLY B 27 14.29 -16.30 -9.29
N ILE B 28 15.33 -15.80 -9.94
CA ILE B 28 16.63 -15.55 -9.30
C ILE B 28 17.09 -14.11 -9.44
N ASP B 29 17.56 -13.55 -8.33
CA ASP B 29 18.24 -12.26 -8.36
C ASP B 29 19.62 -12.44 -8.98
N ASN B 30 19.77 -12.10 -10.26
CA ASN B 30 21.03 -12.28 -10.97
C ASN B 30 22.28 -11.76 -10.23
N ARG B 31 22.14 -10.59 -9.59
CA ARG B 31 23.19 -10.05 -8.76
C ARG B 31 23.48 -11.01 -7.59
N THR B 32 22.56 -11.13 -6.65
CA THR B 32 22.79 -11.91 -5.43
C THR B 32 22.71 -13.43 -5.56
N GLN B 33 22.01 -13.91 -6.58
CA GLN B 33 21.75 -15.36 -6.76
C GLN B 33 20.71 -15.93 -5.78
N GLN B 34 20.14 -15.05 -4.97
CA GLN B 34 19.06 -15.42 -4.08
C GLN B 34 17.78 -15.65 -4.88
N VAL B 35 17.05 -16.72 -4.51
CA VAL B 35 15.79 -17.12 -5.16
C VAL B 35 14.60 -16.29 -4.65
N VAL B 36 13.84 -15.75 -5.59
CA VAL B 36 12.72 -14.87 -5.27
C VAL B 36 11.42 -15.34 -5.93
N ALA B 37 10.29 -14.91 -5.39
CA ALA B 37 9.01 -15.00 -6.11
C ALA B 37 8.76 -13.69 -6.88
N ILE B 38 8.43 -13.79 -8.16
CA ILE B 38 8.25 -12.58 -8.96
C ILE B 38 6.82 -12.49 -9.48
N LYS B 39 6.11 -11.43 -9.10
CA LYS B 39 4.78 -11.17 -9.64
C LYS B 39 4.82 -10.11 -10.73
N ILE B 40 4.17 -10.41 -11.86
CA ILE B 40 4.09 -9.45 -12.96
C ILE B 40 2.66 -9.02 -13.19
N ILE B 41 2.43 -7.72 -13.08
CA ILE B 41 1.11 -7.15 -13.18
C ILE B 41 1.08 -6.27 -14.42
N ASP B 42 0.00 -6.38 -15.21
CA ASP B 42 -0.04 -5.69 -16.50
C ASP B 42 -0.14 -4.17 -16.46
N LEU B 43 -0.95 -3.60 -15.55
CA LEU B 43 -1.11 -2.13 -15.44
C LEU B 43 -1.91 -1.48 -16.58
N GLU B 44 -1.63 -1.88 -17.82
CA GLU B 44 -2.54 -1.55 -18.91
C GLU B 44 -3.85 -2.29 -18.67
N GLU B 45 -3.80 -3.62 -18.65
CA GLU B 45 -5.00 -4.43 -18.47
C GLU B 45 -5.68 -4.13 -17.15
N ALA B 46 -4.88 -3.91 -16.11
CA ALA B 46 -5.40 -3.58 -14.78
C ALA B 46 -6.19 -2.29 -14.83
N GLU B 47 -5.55 -1.19 -15.26
CA GLU B 47 -6.18 0.16 -15.40
C GLU B 47 -7.03 0.63 -14.20
N ASP B 48 -7.39 -0.31 -13.32
CA ASP B 48 -8.16 -0.03 -12.12
C ASP B 48 -7.23 0.41 -11.00
N GLU B 49 -7.17 1.73 -10.83
CA GLU B 49 -6.35 2.36 -9.80
C GLU B 49 -4.97 1.72 -9.66
N ILE B 50 -4.03 2.29 -10.37
CA ILE B 50 -2.62 2.00 -10.16
C ILE B 50 -2.35 2.33 -8.68
N GLU B 51 -2.99 3.39 -8.20
CA GLU B 51 -2.95 3.78 -6.79
C GLU B 51 -3.38 2.64 -5.84
N ASP B 52 -4.31 1.80 -6.28
CA ASP B 52 -4.67 0.62 -5.48
C ASP B 52 -3.49 -0.36 -5.39
N ILE B 53 -2.99 -0.78 -6.55
CA ILE B 53 -1.87 -1.69 -6.63
C ILE B 53 -0.69 -1.14 -5.83
N GLN B 54 -0.48 0.17 -5.91
CA GLN B 54 0.57 0.80 -5.14
C GLN B 54 0.26 0.79 -3.64
N GLN B 55 -1.00 1.01 -3.27
CA GLN B 55 -1.42 0.89 -1.86
C GLN B 55 -1.15 -0.52 -1.34
N GLU B 56 -1.55 -1.51 -2.14
CA GLU B 56 -1.29 -2.91 -1.85
C GLU B 56 0.20 -3.14 -1.61
N ILE B 57 1.03 -2.36 -2.27
CA ILE B 57 2.48 -2.51 -2.09
C ILE B 57 2.95 -1.77 -0.86
N THR B 58 2.58 -0.50 -0.74
CA THR B 58 2.99 0.27 0.44
C THR B 58 2.63 -0.49 1.72
N VAL B 59 1.46 -1.12 1.73
CA VAL B 59 1.05 -1.92 2.88
C VAL B 59 1.98 -3.11 3.10
N LEU B 60 2.37 -3.77 2.01
CA LEU B 60 3.20 -4.96 2.12
C LEU B 60 4.56 -4.56 2.67
N SER B 61 5.09 -3.47 2.15
CA SER B 61 6.42 -2.99 2.46
C SER B 61 6.53 -2.55 3.90
N GLN B 62 5.38 -2.40 4.56
CA GLN B 62 5.37 -1.93 5.93
C GLN B 62 5.59 -3.06 6.93
N CYS B 63 5.79 -4.27 6.45
CA CYS B 63 5.89 -5.42 7.34
C CYS B 63 7.28 -5.96 7.41
N ASP B 64 7.79 -6.14 8.63
CA ASP B 64 9.11 -6.75 8.83
C ASP B 64 9.09 -7.90 9.83
N SER B 65 7.93 -8.56 9.94
CA SER B 65 7.82 -9.77 10.73
C SER B 65 8.40 -10.92 9.94
N SER B 66 9.04 -11.85 10.65
CA SER B 66 9.59 -13.04 10.02
C SER B 66 8.53 -14.14 10.02
N TYR B 67 7.29 -13.76 10.28
CA TYR B 67 6.15 -14.66 10.16
C TYR B 67 5.25 -14.24 9.03
N VAL B 68 5.65 -13.20 8.31
CA VAL B 68 4.97 -12.80 7.09
C VAL B 68 6.02 -12.63 5.99
N THR B 69 5.69 -13.06 4.77
CA THR B 69 6.69 -13.11 3.71
C THR B 69 7.17 -11.70 3.35
N LYS B 70 8.47 -11.55 3.17
CA LYS B 70 9.09 -10.25 2.87
C LYS B 70 8.78 -9.69 1.48
N TYR B 71 8.70 -8.36 1.40
CA TYR B 71 8.62 -7.66 0.13
C TYR B 71 9.98 -7.07 -0.18
N TYR B 72 10.46 -7.24 -1.41
CA TYR B 72 11.79 -6.80 -1.78
C TYR B 72 11.85 -5.62 -2.75
N GLY B 73 10.74 -5.31 -3.39
CA GLY B 73 10.74 -4.19 -4.33
C GLY B 73 10.04 -4.45 -5.64
N SER B 74 10.00 -3.43 -6.48
CA SER B 74 9.18 -3.43 -7.66
C SER B 74 9.95 -2.77 -8.77
N TYR B 75 9.74 -3.25 -9.99
CA TYR B 75 10.44 -2.73 -11.14
C TYR B 75 9.48 -2.59 -12.30
N LEU B 76 9.56 -1.46 -12.99
CA LEU B 76 8.66 -1.20 -14.10
C LEU B 76 9.39 -1.43 -15.42
N LYS B 77 8.91 -2.35 -16.24
CA LYS B 77 9.40 -2.47 -17.62
C LYS B 77 8.22 -2.16 -18.51
N GLY B 78 8.38 -1.14 -19.35
CA GLY B 78 7.26 -0.62 -20.12
C GLY B 78 6.08 -0.41 -19.19
N SER B 79 5.02 -1.17 -19.39
CA SER B 79 3.84 -1.02 -18.57
C SER B 79 3.61 -2.23 -17.67
N LYS B 80 4.53 -3.19 -17.68
CA LYS B 80 4.42 -4.32 -16.77
C LYS B 80 5.29 -4.09 -15.53
N LEU B 81 4.72 -4.37 -14.36
CA LEU B 81 5.39 -4.12 -13.10
C LEU B 81 5.83 -5.43 -12.42
N TRP B 82 7.11 -5.55 -12.09
CA TRP B 82 7.61 -6.74 -11.43
C TRP B 82 7.69 -6.53 -9.95
N ILE B 83 6.87 -7.27 -9.20
CA ILE B 83 6.94 -7.20 -7.75
C ILE B 83 7.77 -8.35 -7.26
N ILE B 84 8.83 -8.05 -6.53
CA ILE B 84 9.71 -9.10 -6.04
C ILE B 84 9.48 -9.40 -4.58
N MET B 85 9.18 -10.66 -4.29
CA MET B 85 8.93 -11.12 -2.93
C MET B 85 9.76 -12.31 -2.51
N GLU B 86 9.82 -12.51 -1.19
CA GLU B 86 10.53 -13.61 -0.57
C GLU B 86 9.93 -14.92 -1.02
N TYR B 87 10.79 -15.86 -1.41
CA TYR B 87 10.32 -17.15 -1.88
C TYR B 87 10.58 -18.24 -0.85
N LEU B 88 9.66 -19.19 -0.75
CA LEU B 88 9.76 -20.20 0.30
C LEU B 88 9.86 -21.64 -0.21
N GLY B 89 11.07 -22.18 -0.11
CA GLY B 89 11.41 -23.46 -0.73
C GLY B 89 10.67 -24.67 -0.22
N GLY B 90 10.22 -24.63 1.04
CA GLY B 90 9.54 -25.76 1.64
C GLY B 90 8.25 -26.09 0.92
N GLY B 91 7.54 -25.05 0.50
CA GLY B 91 6.24 -25.27 -0.13
C GLY B 91 5.14 -24.91 0.83
N SER B 92 3.89 -25.18 0.47
CA SER B 92 2.80 -24.77 1.32
C SER B 92 2.28 -25.96 2.09
N ALA B 93 1.61 -25.64 3.19
CA ALA B 93 0.96 -26.64 4.03
C ALA B 93 0.04 -27.52 3.22
N LEU B 94 -0.64 -26.94 2.24
CA LEU B 94 -1.49 -27.68 1.35
C LEU B 94 -0.71 -28.62 0.44
N ASP B 95 0.42 -28.16 -0.08
CA ASP B 95 1.29 -29.02 -0.86
C ASP B 95 1.85 -30.17 -0.01
N LEU B 96 2.18 -29.86 1.24
CA LEU B 96 2.75 -30.85 2.13
C LEU B 96 1.74 -31.93 2.45
N LEU B 97 0.51 -31.51 2.61
CA LEU B 97 -0.60 -32.40 2.88
C LEU B 97 -0.81 -33.46 1.82
N ARG B 98 -0.32 -33.22 0.62
CA ARG B 98 -0.48 -34.14 -0.48
C ARG B 98 0.17 -35.50 -0.28
N ALA B 99 1.02 -35.61 0.73
CA ALA B 99 1.79 -36.81 0.90
C ALA B 99 1.43 -37.50 2.21
N GLY B 100 0.32 -37.09 2.80
CA GLY B 100 -0.19 -37.73 4.01
C GLY B 100 -0.54 -36.70 5.05
N PRO B 101 -1.16 -37.12 6.17
CA PRO B 101 -1.74 -36.19 7.14
C PRO B 101 -0.70 -35.65 8.12
N PHE B 102 -1.13 -34.75 9.00
CA PHE B 102 -0.22 -34.12 9.95
C PHE B 102 -0.50 -34.56 11.40
N ASP B 103 0.54 -34.59 12.23
CA ASP B 103 0.43 -34.72 13.70
C ASP B 103 -0.34 -33.54 14.28
N GLU B 104 -0.97 -33.71 15.43
CA GLU B 104 -1.48 -32.55 16.14
C GLU B 104 -0.31 -31.69 16.58
N PHE B 105 0.86 -32.28 16.68
CA PHE B 105 2.04 -31.55 17.03
C PHE B 105 2.43 -30.64 15.89
N GLN B 106 2.43 -31.20 14.68
CA GLN B 106 2.79 -30.44 13.50
C GLN B 106 1.78 -29.33 13.23
N ILE B 107 0.49 -29.69 13.29
CA ILE B 107 -0.56 -28.71 13.15
C ILE B 107 -0.39 -27.60 14.17
N ALA B 108 -0.08 -27.95 15.40
CA ALA B 108 -0.03 -26.91 16.42
C ALA B 108 1.21 -26.04 16.25
N THR B 109 2.29 -26.62 15.75
CA THR B 109 3.51 -25.87 15.50
C THR B 109 3.25 -24.76 14.48
N MET B 110 2.55 -25.12 13.42
CA MET B 110 2.23 -24.19 12.34
C MET B 110 1.34 -23.10 12.86
N LEU B 111 0.21 -23.48 13.42
CA LEU B 111 -0.74 -22.52 13.95
C LEU B 111 -0.09 -21.52 14.87
N LYS B 112 0.80 -21.98 15.74
CA LYS B 112 1.54 -21.08 16.62
C LYS B 112 2.23 -19.99 15.81
N GLU B 113 2.90 -20.40 14.73
CA GLU B 113 3.63 -19.46 13.88
C GLU B 113 2.68 -18.48 13.19
N ILE B 114 1.68 -19.01 12.50
CA ILE B 114 0.67 -18.21 11.82
C ILE B 114 0.09 -17.21 12.80
N LEU B 115 -0.22 -17.69 14.01
CA LEU B 115 -0.78 -16.85 15.05
C LEU B 115 0.12 -15.67 15.40
N LYS B 116 1.43 -15.90 15.36
CA LYS B 116 2.39 -14.83 15.60
C LYS B 116 2.33 -13.82 14.46
N GLY B 117 2.34 -14.33 13.24
CA GLY B 117 2.12 -13.48 12.07
C GLY B 117 0.91 -12.60 12.27
N LEU B 118 -0.22 -13.24 12.53
CA LEU B 118 -1.47 -12.56 12.81
C LEU B 118 -1.39 -11.55 13.95
N ASP B 119 -0.67 -11.90 15.01
CA ASP B 119 -0.48 -11.00 16.13
C ASP B 119 0.19 -9.73 15.62
N TYR B 120 1.29 -9.92 14.90
CA TYR B 120 2.04 -8.81 14.32
C TYR B 120 1.18 -7.96 13.41
N LEU B 121 0.44 -8.64 12.53
CA LEU B 121 -0.39 -7.94 11.57
C LEU B 121 -1.49 -7.15 12.25
N HIS B 122 -2.16 -7.77 13.24
CA HIS B 122 -3.24 -7.10 13.93
C HIS B 122 -2.81 -5.86 14.67
N SER B 123 -1.68 -5.92 15.37
CA SER B 123 -1.15 -4.78 16.13
C SER B 123 -0.95 -3.53 15.29
N GLU B 124 -0.63 -3.72 14.01
CA GLU B 124 -0.49 -2.61 13.06
C GLU B 124 -1.80 -2.30 12.35
N LYS B 125 -2.92 -2.57 13.02
CA LYS B 125 -4.25 -2.40 12.43
C LYS B 125 -4.34 -2.93 10.99
N LYS B 126 -3.64 -4.03 10.74
CA LYS B 126 -3.74 -4.74 9.47
C LYS B 126 -4.52 -6.03 9.70
N ILE B 127 -4.88 -6.69 8.60
CA ILE B 127 -5.59 -7.99 8.61
C ILE B 127 -5.00 -8.87 7.53
N HIS B 128 -5.33 -10.16 7.50
CA HIS B 128 -4.85 -10.98 6.39
C HIS B 128 -5.82 -11.21 5.26
N ARG B 129 -6.99 -11.76 5.52
CA ARG B 129 -8.00 -11.79 4.46
C ARG B 129 -7.89 -12.99 3.52
N ASP B 130 -6.78 -13.72 3.55
CA ASP B 130 -6.75 -14.94 2.77
C ASP B 130 -6.02 -16.09 3.46
N ILE B 131 -6.50 -16.48 4.64
CA ILE B 131 -5.82 -17.49 5.43
C ILE B 131 -6.36 -18.84 5.08
N LYS B 132 -5.46 -19.72 4.68
CA LYS B 132 -5.81 -21.04 4.20
C LYS B 132 -4.54 -21.86 4.06
N ALA B 133 -4.68 -23.19 4.08
CA ALA B 133 -3.53 -24.09 4.03
C ALA B 133 -2.57 -23.68 2.91
N ALA B 134 -3.16 -23.25 1.78
CA ALA B 134 -2.40 -22.82 0.63
C ALA B 134 -1.54 -21.56 0.88
N ASN B 135 -1.87 -20.77 1.89
CA ASN B 135 -1.08 -19.58 2.19
C ASN B 135 -0.27 -19.72 3.47
N VAL B 136 -0.13 -20.95 3.95
CA VAL B 136 0.76 -21.26 5.07
C VAL B 136 2.04 -21.80 4.44
N LEU B 137 3.09 -20.98 4.39
CA LEU B 137 4.28 -21.33 3.60
C LEU B 137 5.40 -21.80 4.48
N LEU B 138 6.25 -22.65 3.95
CA LEU B 138 7.40 -23.14 4.72
C LEU B 138 8.75 -22.92 4.03
N SER B 139 9.76 -22.61 4.83
CA SER B 139 11.14 -22.58 4.37
C SER B 139 11.61 -24.02 4.39
N GLU B 140 12.73 -24.33 3.72
CA GLU B 140 13.24 -25.71 3.77
C GLU B 140 13.78 -26.06 5.16
N GLN B 141 14.10 -25.02 5.92
CA GLN B 141 14.51 -25.15 7.33
C GLN B 141 13.32 -25.42 8.25
N GLY B 142 12.11 -25.15 7.76
CA GLY B 142 10.88 -25.42 8.51
C GLY B 142 10.20 -24.21 9.13
N ASP B 143 10.66 -23.01 8.79
CA ASP B 143 10.02 -21.80 9.28
C ASP B 143 8.69 -21.68 8.60
N VAL B 144 7.71 -21.15 9.32
CA VAL B 144 6.37 -21.04 8.81
C VAL B 144 6.00 -19.58 8.74
N LYS B 145 5.39 -19.16 7.63
CA LYS B 145 4.96 -17.77 7.49
C LYS B 145 3.76 -17.58 6.58
N LEU B 146 3.04 -16.49 6.79
CA LEU B 146 1.91 -16.11 5.98
C LEU B 146 2.34 -15.62 4.60
N ALA B 147 1.60 -16.06 3.59
CA ALA B 147 1.79 -15.57 2.23
C ALA B 147 1.44 -14.09 2.19
N ALA B 148 2.16 -13.34 1.37
CA ALA B 148 1.89 -11.92 1.22
C ALA B 148 0.54 -11.62 0.58
N PHE B 149 0.09 -12.48 -0.34
CA PHE B 149 -1.21 -12.35 -1.01
C PHE B 149 -2.21 -11.56 -0.17
N GLY B 150 -2.65 -12.15 0.93
CA GLY B 150 -3.69 -11.57 1.75
C GLY B 150 -3.46 -10.19 2.37
N VAL B 151 -2.25 -9.91 2.83
CA VAL B 151 -1.96 -8.74 3.69
C VAL B 151 -2.68 -7.45 3.23
N ALA B 152 -3.34 -6.79 4.18
CA ALA B 152 -4.21 -5.65 3.87
C ALA B 152 -4.40 -4.70 5.06
N GLY B 153 -4.74 -3.44 4.76
CA GLY B 153 -5.11 -2.48 5.79
C GLY B 153 -6.57 -2.61 6.13
N GLN B 154 -6.90 -2.46 7.40
CA GLN B 154 -8.29 -2.58 7.87
C GLN B 154 -9.21 -1.53 7.25
N LEU B 155 -8.67 -0.31 7.07
CA LEU B 155 -9.41 0.81 6.50
C LEU B 155 -10.01 0.53 5.11
N THR B 156 -9.49 -0.50 4.44
CA THR B 156 -10.03 -0.99 3.17
C THR B 156 -10.10 -2.52 3.20
N ASN B 163 -10.08 -5.79 -9.76
CA ASN B 163 -10.24 -7.15 -9.26
C ASN B 163 -9.96 -7.25 -7.76
N THR B 164 -10.96 -6.87 -6.95
CA THR B 164 -10.79 -6.66 -5.50
C THR B 164 -11.41 -7.78 -4.61
N PHE B 165 -11.06 -9.05 -4.85
CA PHE B 165 -11.84 -10.17 -4.30
C PHE B 165 -11.11 -11.44 -3.87
N VAL B 166 -11.91 -12.35 -3.29
CA VAL B 166 -11.53 -13.74 -2.98
C VAL B 166 -12.38 -14.66 -3.87
N GLY B 167 -11.77 -15.74 -4.36
CA GLY B 167 -12.44 -16.65 -5.29
C GLY B 167 -13.42 -17.66 -4.71
N THR B 168 -13.29 -17.95 -3.41
CA THR B 168 -14.07 -19.02 -2.75
C THR B 168 -14.44 -18.69 -1.32
N PRO B 169 -15.72 -18.85 -0.98
CA PRO B 169 -16.25 -18.49 0.33
C PRO B 169 -16.00 -19.50 1.48
N PHE B 170 -15.22 -20.56 1.26
CA PHE B 170 -15.07 -21.62 2.25
C PHE B 170 -14.48 -21.16 3.59
N TRP B 171 -13.39 -20.42 3.53
CA TRP B 171 -12.75 -19.86 4.72
C TRP B 171 -13.34 -18.56 5.22
N MET B 172 -14.41 -18.09 4.58
CA MET B 172 -14.98 -16.77 4.87
C MET B 172 -15.84 -16.78 6.12
N ALA B 173 -15.75 -15.69 6.88
CA ALA B 173 -16.49 -15.54 8.15
C ALA B 173 -17.91 -15.09 7.88
N PRO B 174 -18.87 -15.54 8.69
CA PRO B 174 -20.27 -15.24 8.39
C PRO B 174 -20.59 -13.76 8.27
N GLU B 175 -19.93 -12.92 9.07
CA GLU B 175 -20.16 -11.47 8.99
C GLU B 175 -19.62 -10.89 7.69
N VAL B 176 -18.45 -11.37 7.26
CA VAL B 176 -17.84 -10.91 6.01
C VAL B 176 -18.80 -11.12 4.85
N ILE B 177 -19.38 -12.33 4.84
CA ILE B 177 -20.34 -12.74 3.84
C ILE B 177 -21.54 -11.80 3.81
N GLN B 178 -21.99 -11.38 4.99
CA GLN B 178 -23.12 -10.50 5.09
C GLN B 178 -22.75 -9.05 4.86
N GLN B 179 -21.57 -8.83 4.26
CA GLN B 179 -21.07 -7.49 3.96
C GLN B 179 -20.97 -6.64 5.24
N SER B 180 -21.15 -7.29 6.39
CA SER B 180 -21.20 -6.63 7.68
C SER B 180 -19.92 -5.88 8.03
N ALA B 181 -20.04 -4.94 8.98
CA ALA B 181 -18.89 -4.26 9.56
C ALA B 181 -17.99 -5.30 10.22
N TYR B 182 -16.78 -5.44 9.72
CA TYR B 182 -15.92 -6.53 10.19
C TYR B 182 -14.47 -6.11 10.41
N ASP B 183 -13.74 -6.90 11.20
CA ASP B 183 -12.39 -6.58 11.60
C ASP B 183 -11.51 -7.83 11.71
N SER B 184 -10.43 -7.70 12.49
CA SER B 184 -9.43 -8.74 12.71
C SER B 184 -9.99 -10.07 13.17
N LYS B 185 -11.13 -10.04 13.84
CA LYS B 185 -11.79 -11.25 14.31
C LYS B 185 -12.24 -12.17 13.18
N ALA B 186 -12.40 -11.62 11.99
CA ALA B 186 -12.76 -12.45 10.84
C ALA B 186 -11.56 -13.23 10.37
N ASP B 187 -10.35 -12.73 10.62
CA ASP B 187 -9.14 -13.50 10.36
C ASP B 187 -9.19 -14.71 11.26
N ILE B 188 -9.43 -14.46 12.54
CA ILE B 188 -9.50 -15.51 13.55
C ILE B 188 -10.41 -16.61 13.09
N TRP B 189 -11.57 -16.25 12.56
CA TRP B 189 -12.49 -17.23 12.00
C TRP B 189 -11.82 -18.07 10.94
N SER B 190 -11.14 -17.45 9.98
CA SER B 190 -10.51 -18.23 8.92
C SER B 190 -9.50 -19.21 9.48
N LEU B 191 -8.74 -18.76 10.48
CA LEU B 191 -7.79 -19.62 11.15
C LEU B 191 -8.47 -20.92 11.59
N GLY B 192 -9.63 -20.77 12.23
CA GLY B 192 -10.47 -21.89 12.60
C GLY B 192 -10.65 -22.85 11.44
N ILE B 193 -11.04 -22.34 10.28
CA ILE B 193 -11.21 -23.20 9.09
C ILE B 193 -9.88 -23.84 8.67
N THR B 194 -8.84 -23.00 8.58
CA THR B 194 -7.52 -23.49 8.22
C THR B 194 -7.15 -24.69 9.08
N ALA B 195 -7.30 -24.54 10.41
CA ALA B 195 -7.14 -25.64 11.36
C ALA B 195 -7.89 -26.90 10.92
N ILE B 196 -9.22 -26.85 10.85
CA ILE B 196 -9.99 -27.98 10.33
C ILE B 196 -9.39 -28.50 9.04
N GLU B 197 -8.89 -27.58 8.20
CA GLU B 197 -8.34 -27.93 6.91
C GLU B 197 -7.05 -28.74 7.05
N LEU B 198 -6.19 -28.29 7.94
CA LEU B 198 -4.96 -29.01 8.20
C LEU B 198 -5.25 -30.38 8.83
N ALA B 199 -6.33 -30.45 9.59
CA ALA B 199 -6.67 -31.66 10.29
C ALA B 199 -7.28 -32.63 9.31
N LYS B 200 -8.05 -32.11 8.36
CA LYS B 200 -8.92 -32.94 7.53
C LYS B 200 -8.58 -32.99 6.05
N GLY B 201 -7.68 -32.09 5.61
CA GLY B 201 -7.23 -32.06 4.22
C GLY B 201 -8.00 -31.09 3.33
N GLU B 202 -9.14 -30.61 3.82
CA GLU B 202 -9.98 -29.73 3.04
C GLU B 202 -10.94 -29.08 4.00
N PRO B 203 -11.42 -27.87 3.67
CA PRO B 203 -12.29 -27.09 4.56
C PRO B 203 -13.71 -27.64 4.63
N PRO B 204 -14.48 -27.24 5.64
CA PRO B 204 -15.88 -27.70 5.74
C PRO B 204 -16.71 -27.38 4.50
N ASN B 205 -17.37 -28.41 3.97
CA ASN B 205 -18.24 -28.30 2.79
C ASN B 205 -17.51 -28.18 1.47
N SER B 206 -16.32 -28.76 1.39
CA SER B 206 -15.54 -28.78 0.14
C SER B 206 -16.32 -29.25 -1.06
N ASP B 207 -17.06 -30.33 -0.88
CA ASP B 207 -17.89 -30.94 -1.91
C ASP B 207 -19.04 -30.05 -2.38
N MET B 208 -19.40 -29.04 -1.61
CA MET B 208 -20.52 -28.18 -1.98
C MET B 208 -20.23 -27.11 -3.03
N HIS B 209 -21.32 -26.60 -3.59
CA HIS B 209 -21.31 -25.55 -4.58
C HIS B 209 -21.18 -24.26 -3.83
N PRO B 210 -20.21 -23.41 -4.24
CA PRO B 210 -19.82 -22.21 -3.51
C PRO B 210 -20.98 -21.26 -3.25
N MET B 211 -21.90 -21.15 -4.19
CA MET B 211 -23.08 -20.35 -3.94
C MET B 211 -23.88 -20.89 -2.75
N ARG B 212 -24.06 -22.20 -2.67
CA ARG B 212 -24.87 -22.77 -1.60
C ARG B 212 -24.16 -22.60 -0.27
N VAL B 213 -22.84 -22.77 -0.30
CA VAL B 213 -22.03 -22.59 0.90
C VAL B 213 -22.28 -21.23 1.53
N LEU B 214 -22.08 -20.19 0.72
CA LEU B 214 -22.29 -18.81 1.13
C LEU B 214 -23.53 -18.53 1.95
N PHE B 215 -24.63 -19.19 1.61
CA PHE B 215 -25.85 -18.95 2.34
C PHE B 215 -26.00 -19.89 3.53
N LEU B 216 -25.18 -20.93 3.60
CA LEU B 216 -25.24 -21.81 4.75
C LEU B 216 -24.43 -21.22 5.88
N ILE B 217 -23.25 -20.72 5.53
CA ILE B 217 -22.29 -20.25 6.52
C ILE B 217 -22.91 -19.32 7.55
N PRO B 218 -23.71 -18.32 7.10
CA PRO B 218 -24.26 -17.49 8.15
C PRO B 218 -25.47 -18.11 8.85
N LYS B 219 -26.19 -19.01 8.17
CA LYS B 219 -27.43 -19.56 8.71
C LYS B 219 -27.19 -20.70 9.67
N ASN B 220 -26.29 -21.61 9.29
CA ASN B 220 -26.06 -22.83 10.04
C ASN B 220 -25.18 -22.63 11.25
N ASN B 221 -25.18 -23.63 12.12
CA ASN B 221 -24.18 -23.76 13.18
C ASN B 221 -22.77 -23.78 12.64
N PRO B 222 -21.81 -23.20 13.37
CA PRO B 222 -20.42 -23.16 12.90
C PRO B 222 -19.88 -24.57 12.73
N PRO B 223 -18.92 -24.77 11.82
CA PRO B 223 -18.44 -26.11 11.59
C PRO B 223 -17.55 -26.54 12.74
N THR B 224 -17.28 -27.84 12.86
CA THR B 224 -16.50 -28.34 14.00
C THR B 224 -15.53 -29.48 13.64
N LEU B 225 -14.49 -29.64 14.44
CA LEU B 225 -13.51 -30.69 14.19
C LEU B 225 -14.02 -32.05 14.65
N VAL B 226 -14.02 -33.00 13.73
CA VAL B 226 -14.71 -34.27 13.98
C VAL B 226 -13.79 -35.50 13.83
N GLY B 227 -13.86 -36.40 14.80
CA GLY B 227 -13.10 -37.63 14.73
C GLY B 227 -11.95 -37.63 15.70
N ASP B 228 -10.93 -38.42 15.37
CA ASP B 228 -9.87 -38.78 16.32
C ASP B 228 -8.89 -37.66 16.65
N PHE B 229 -9.37 -36.63 17.33
CA PHE B 229 -8.55 -35.50 17.68
C PHE B 229 -8.79 -35.20 19.14
N THR B 230 -7.78 -34.68 19.85
CA THR B 230 -7.92 -34.44 21.29
C THR B 230 -9.00 -33.39 21.60
N LYS B 231 -9.48 -33.36 22.85
CA LYS B 231 -10.50 -32.38 23.23
C LYS B 231 -9.99 -30.97 23.04
N SER B 232 -8.76 -30.70 23.44
CA SER B 232 -8.24 -29.34 23.34
C SER B 232 -8.13 -28.84 21.90
N PHE B 233 -7.75 -29.72 20.98
CA PHE B 233 -7.75 -29.37 19.55
C PHE B 233 -9.15 -28.90 19.12
N LYS B 234 -10.14 -29.78 19.29
CA LYS B 234 -11.50 -29.42 19.04
C LYS B 234 -11.88 -28.10 19.71
N GLU B 235 -11.47 -27.93 20.96
CA GLU B 235 -11.86 -26.74 21.72
C GLU B 235 -11.23 -25.50 21.15
N PHE B 236 -9.99 -25.61 20.71
CA PHE B 236 -9.32 -24.53 19.99
C PHE B 236 -10.21 -24.08 18.84
N ILE B 237 -10.56 -25.04 17.99
CA ILE B 237 -11.35 -24.78 16.81
C ILE B 237 -12.71 -24.19 17.13
N ASP B 238 -13.42 -24.75 18.12
CA ASP B 238 -14.70 -24.18 18.54
C ASP B 238 -14.54 -22.76 19.03
N ALA B 239 -13.34 -22.40 19.50
CA ALA B 239 -13.10 -21.04 19.97
C ALA B 239 -13.09 -20.05 18.80
N CYS B 240 -12.29 -20.39 17.79
CA CYS B 240 -12.17 -19.60 16.58
C CYS B 240 -13.50 -19.49 15.87
N LEU B 241 -14.24 -20.59 15.81
CA LEU B 241 -15.40 -20.63 14.97
C LEU B 241 -16.67 -20.21 15.70
N ASN B 242 -16.62 -19.07 16.37
CA ASN B 242 -17.81 -18.53 17.00
C ASN B 242 -18.52 -17.56 16.08
N LYS B 243 -19.82 -17.72 15.90
CA LYS B 243 -20.58 -16.85 14.99
C LYS B 243 -20.49 -15.40 15.40
N ASP B 244 -20.54 -15.15 16.71
CA ASP B 244 -20.34 -13.82 17.25
C ASP B 244 -18.86 -13.47 17.32
N PRO B 245 -18.41 -12.51 16.52
CA PRO B 245 -17.00 -12.14 16.41
C PRO B 245 -16.37 -11.77 17.74
N SER B 246 -17.13 -11.08 18.58
CA SER B 246 -16.62 -10.64 19.87
C SER B 246 -16.33 -11.81 20.82
N PHE B 247 -16.99 -12.93 20.58
CA PHE B 247 -16.75 -14.12 21.38
C PHE B 247 -15.60 -14.93 20.82
N ARG B 248 -14.87 -14.34 19.89
CA ARG B 248 -13.69 -15.01 19.34
C ARG B 248 -12.49 -14.45 20.03
N PRO B 249 -11.62 -15.33 20.51
CA PRO B 249 -10.37 -14.94 21.12
C PRO B 249 -9.57 -14.09 20.16
N THR B 250 -8.65 -13.31 20.70
CA THR B 250 -7.72 -12.55 19.88
C THR B 250 -6.59 -13.48 19.43
N ALA B 251 -5.69 -12.98 18.58
CA ALA B 251 -4.56 -13.80 18.19
C ALA B 251 -3.71 -14.07 19.43
N LYS B 252 -3.42 -13.00 20.18
CA LYS B 252 -2.57 -13.06 21.36
C LYS B 252 -3.09 -14.07 22.38
N GLU B 253 -4.40 -14.07 22.61
CA GLU B 253 -5.03 -14.98 23.56
C GLU B 253 -4.92 -16.42 23.11
N LEU B 254 -5.02 -16.65 21.80
CA LEU B 254 -4.99 -18.01 21.27
C LEU B 254 -3.60 -18.58 21.38
N LEU B 255 -2.62 -17.69 21.43
CA LEU B 255 -1.25 -18.12 21.52
C LEU B 255 -1.02 -18.90 22.80
N LYS B 256 -1.81 -18.63 23.84
CA LYS B 256 -1.68 -19.36 25.10
C LYS B 256 -2.89 -20.23 25.43
N HIS B 257 -3.28 -21.04 24.47
CA HIS B 257 -4.44 -21.92 24.58
C HIS B 257 -3.91 -23.30 24.83
N LYS B 258 -4.60 -24.09 25.66
CA LYS B 258 -4.06 -25.41 26.02
C LYS B 258 -3.61 -26.21 24.80
N PHE B 259 -4.33 -26.10 23.69
CA PHE B 259 -3.96 -26.87 22.49
C PHE B 259 -2.61 -26.44 21.92
N ILE B 260 -2.34 -25.13 21.93
CA ILE B 260 -1.10 -24.62 21.35
C ILE B 260 0.05 -25.01 22.26
N VAL B 261 -0.06 -24.61 23.52
CA VAL B 261 0.94 -24.85 24.54
C VAL B 261 1.31 -26.33 24.75
N LYS B 262 0.30 -27.19 24.90
CA LYS B 262 0.52 -28.62 25.04
C LYS B 262 1.18 -29.26 23.80
N ASN B 263 1.01 -28.68 22.62
CA ASN B 263 1.35 -29.37 21.37
C ASN B 263 2.37 -28.75 20.42
N SER B 264 2.66 -27.46 20.55
CA SER B 264 3.73 -26.84 19.77
C SER B 264 5.03 -27.59 20.01
N LYS B 265 5.86 -27.70 18.98
CA LYS B 265 7.22 -28.19 19.16
C LYS B 265 8.14 -27.24 18.42
N LYS B 266 9.45 -27.51 18.40
CA LYS B 266 10.38 -26.63 17.67
C LYS B 266 10.01 -26.65 16.18
N THR B 267 10.15 -25.53 15.48
CA THR B 267 9.72 -25.54 14.09
C THR B 267 10.66 -26.39 13.25
N SER B 268 11.88 -26.58 13.74
CA SER B 268 12.85 -27.41 13.03
C SER B 268 12.25 -28.77 12.69
N TYR B 269 11.44 -29.32 13.60
CA TYR B 269 10.83 -30.63 13.42
C TYR B 269 9.91 -30.71 12.20
N LEU B 270 9.48 -29.55 11.71
CA LEU B 270 8.61 -29.51 10.54
C LEU B 270 9.32 -29.98 9.28
N THR B 271 10.64 -30.16 9.34
CA THR B 271 11.34 -30.57 8.15
C THR B 271 11.09 -32.03 7.87
N GLU B 272 10.56 -32.75 8.86
CA GLU B 272 10.13 -34.13 8.60
C GLU B 272 9.11 -34.09 7.47
N LEU B 273 8.14 -33.20 7.61
CA LEU B 273 7.15 -32.99 6.58
C LEU B 273 7.74 -32.64 5.22
N ILE B 274 8.59 -31.61 5.15
CA ILE B 274 9.25 -31.28 3.90
C ILE B 274 9.92 -32.51 3.29
N ASP B 275 10.81 -33.13 4.05
CA ASP B 275 11.48 -34.35 3.62
C ASP B 275 10.51 -35.40 3.10
N ARG B 276 9.44 -35.65 3.84
CA ARG B 276 8.45 -36.65 3.44
C ARG B 276 7.89 -36.34 2.06
N PHE B 277 7.59 -35.07 1.83
CA PHE B 277 7.03 -34.56 0.59
C PHE B 277 8.02 -34.79 -0.51
N LYS B 278 9.24 -34.33 -0.31
CA LYS B 278 10.30 -34.51 -1.29
C LYS B 278 10.45 -35.97 -1.68
N ARG B 279 10.46 -36.87 -0.70
CA ARG B 279 10.48 -38.31 -0.94
C ARG B 279 9.28 -38.76 -1.77
N TRP B 280 8.14 -38.11 -1.53
CA TRP B 280 6.85 -38.56 -2.07
C TRP B 280 6.70 -38.25 -3.52
N LYS B 281 7.07 -37.03 -3.92
CA LYS B 281 6.78 -36.57 -5.27
C LYS B 281 7.63 -37.21 -6.36
N ALA B 282 7.00 -37.44 -7.50
CA ALA B 282 7.67 -37.98 -8.68
C ALA B 282 8.32 -36.85 -9.49
N GLU B 283 9.46 -37.19 -10.12
CA GLU B 283 10.37 -36.26 -10.83
C GLU B 283 11.59 -35.90 -9.98
N GLU C 1 -1.74 10.80 -38.90
CA GLU C 1 -0.65 11.60 -38.33
C GLU C 1 -0.95 13.10 -38.43
N TRP C 2 -0.92 13.77 -37.29
CA TRP C 2 -1.29 15.19 -37.21
C TRP C 2 -0.36 16.08 -37.96
N SER C 3 -0.91 17.18 -38.49
CA SER C 3 -0.10 18.18 -39.16
C SER C 3 -0.09 19.47 -38.36
N PHE C 4 1.09 19.82 -37.84
CA PHE C 4 1.26 21.05 -37.08
C PHE C 4 2.11 22.06 -37.85
N THR C 5 3.16 21.55 -38.50
CA THR C 5 4.04 22.37 -39.33
C THR C 5 3.59 22.37 -40.80
#